data_8RSQ
#
_entry.id   8RSQ
#
_cell.length_a   132.856
_cell.length_b   39.718
_cell.length_c   94.984
_cell.angle_alpha   90.000
_cell.angle_beta   124.630
_cell.angle_gamma   90.000
#
_symmetry.space_group_name_H-M   'C 1 2 1'
#
loop_
_entity.id
_entity.type
_entity.pdbx_description
1 polymer 'Bacteriorhodopsin,ADP-ribosylation factor 1'
2 non-polymer "GUANOSINE-5'-DIPHOSPHATE"
3 non-polymer EICOSANE
4 non-polymer RETINAL
5 water water
#
_entity_poly.entity_id   1
_entity_poly.type   'polypeptide(L)'
_entity_poly.pdbx_seq_one_letter_code
;MEELTYRLFMVATVGMLAGTVFLLASSREVKPEHRRGVYISALVCGIAWYHYQKMGASWESGSYDTGLRYVDWVLTVPLM
FVEVLAVTRKGAAYNEAVRNWGIAATVMIGAGYYGETSAAGSNEYWTGFVIAMATYVWLMRNLQAEGEGLKGDQAVAFEN
IKNLILVGWIIYPLGYIAPVVGDFDAIREVLYTIADIINKVGLGVLVLQMARVQSGEGNIFANKFKGLFGKKEMRILMVG
LDAAGKTTILYKLKLGEIVTTIPTIGFNVETVEYKNISFTVWDVGGLDKIRPLWRHYFQNTQGLIFVVDSNDRERVNEAR
EELMRMLAEDELRDAVLLVFANKQDLPNAMNAAEITDKLGLHSLRHRNWYIQATCATSGDGLYEGLDWLSNQLRNQKGSG
GSHHHHHH
;
_entity_poly.pdbx_strand_id   A
#
# COMPACT_ATOMS: atom_id res chain seq x y z
N GLU A 2 -34.30 -7.06 -27.31
CA GLU A 2 -33.79 -8.34 -26.84
C GLU A 2 -32.36 -8.56 -27.31
N GLU A 3 -32.11 -8.27 -28.60
CA GLU A 3 -30.76 -8.44 -29.14
C GLU A 3 -29.78 -7.46 -28.52
N LEU A 4 -30.25 -6.27 -28.12
CA LEU A 4 -29.38 -5.31 -27.46
C LEU A 4 -28.96 -5.79 -26.08
N THR A 5 -29.82 -6.55 -25.41
CA THR A 5 -29.46 -7.09 -24.10
C THR A 5 -28.39 -8.16 -24.21
N TYR A 6 -28.40 -8.94 -25.29
CA TYR A 6 -27.36 -9.94 -25.50
C TYR A 6 -26.06 -9.33 -25.98
N ARG A 7 -26.14 -8.24 -26.75
CA ARG A 7 -24.92 -7.58 -27.21
C ARG A 7 -24.17 -6.93 -26.05
N LEU A 8 -24.91 -6.36 -25.08
CA LEU A 8 -24.27 -5.76 -23.92
C LEU A 8 -23.62 -6.82 -23.03
N PHE A 9 -24.19 -8.02 -22.98
CA PHE A 9 -23.57 -9.10 -22.22
C PHE A 9 -22.23 -9.49 -22.84
N MET A 10 -22.14 -9.47 -24.18
CA MET A 10 -20.86 -9.76 -24.83
C MET A 10 -19.87 -8.63 -24.61
N VAL A 11 -20.33 -7.38 -24.65
CA VAL A 11 -19.46 -6.24 -24.40
C VAL A 11 -18.96 -6.26 -22.95
N ALA A 12 -19.85 -6.60 -22.01
CA ALA A 12 -19.47 -6.64 -20.61
C ALA A 12 -18.42 -7.70 -20.34
N THR A 13 -18.54 -8.86 -20.99
CA THR A 13 -17.57 -9.93 -20.80
C THR A 13 -16.17 -9.49 -21.23
N VAL A 14 -16.08 -8.88 -22.42
CA VAL A 14 -14.78 -8.41 -22.90
C VAL A 14 -14.28 -7.26 -22.04
N GLY A 15 -15.19 -6.38 -21.61
CA GLY A 15 -14.78 -5.23 -20.82
C GLY A 15 -14.20 -5.61 -19.47
N MET A 16 -14.82 -6.56 -18.79
CA MET A 16 -14.34 -6.97 -17.48
C MET A 16 -12.97 -7.63 -17.58
N LEU A 17 -12.74 -8.43 -18.63
CA LEU A 17 -11.46 -9.11 -18.78
C LEU A 17 -10.34 -8.13 -19.08
N ALA A 18 -10.62 -7.10 -19.90
CA ALA A 18 -9.61 -6.11 -20.23
C ALA A 18 -9.18 -5.35 -18.98
N GLY A 19 -10.13 -5.01 -18.10
CA GLY A 19 -9.79 -4.37 -16.85
C GLY A 19 -9.11 -5.28 -15.86
N THR A 20 -9.24 -6.60 -16.04
CA THR A 20 -8.59 -7.54 -15.13
C THR A 20 -7.08 -7.57 -15.36
N VAL A 21 -6.66 -7.69 -16.62
CA VAL A 21 -5.24 -7.80 -16.92
C VAL A 21 -4.54 -6.47 -16.71
N PHE A 22 -5.21 -5.35 -17.00
CA PHE A 22 -4.60 -4.04 -16.79
C PHE A 22 -4.38 -3.78 -15.31
N LEU A 23 -5.37 -4.12 -14.47
CA LEU A 23 -5.21 -3.95 -13.03
C LEU A 23 -4.13 -4.87 -12.48
N LEU A 24 -3.93 -6.03 -13.09
CA LEU A 24 -2.85 -6.92 -12.67
C LEU A 24 -1.50 -6.47 -13.21
N ALA A 25 -1.46 -5.97 -14.45
CA ALA A 25 -0.20 -5.58 -15.05
C ALA A 25 0.43 -4.40 -14.34
N SER A 26 -0.38 -3.50 -13.78
CA SER A 26 0.12 -2.31 -13.10
C SER A 26 0.32 -2.51 -11.61
N SER A 27 -0.02 -3.68 -11.07
CA SER A 27 0.06 -3.90 -9.63
C SER A 27 1.49 -3.91 -9.12
N ARG A 28 2.47 -4.17 -9.98
CA ARG A 28 3.87 -4.22 -9.54
C ARG A 28 4.40 -2.84 -9.19
N GLU A 29 3.82 -1.77 -9.73
CA GLU A 29 4.31 -0.43 -9.44
C GLU A 29 3.97 0.00 -8.02
N VAL A 30 2.86 -0.49 -7.47
CA VAL A 30 2.47 -0.14 -6.12
C VAL A 30 3.38 -0.83 -5.11
N LYS A 31 3.65 -0.16 -4.00
CA LYS A 31 4.38 -0.79 -2.91
C LYS A 31 3.58 -1.96 -2.36
N PRO A 32 4.26 -3.00 -1.86
CA PRO A 32 3.52 -4.18 -1.33
C PRO A 32 2.53 -3.83 -0.23
N GLU A 33 2.67 -2.67 0.42
CA GLU A 33 1.75 -2.31 1.49
C GLU A 33 0.36 -1.97 0.94
N HIS A 34 0.28 -1.40 -0.26
CA HIS A 34 -0.98 -0.97 -0.83
C HIS A 34 -1.43 -1.82 -2.02
N ARG A 35 -0.71 -2.89 -2.33
CA ARG A 35 -1.09 -3.73 -3.47
C ARG A 35 -2.35 -4.54 -3.22
N ARG A 36 -2.79 -4.66 -1.96
CA ARG A 36 -3.96 -5.47 -1.67
C ARG A 36 -5.22 -4.89 -2.29
N GLY A 37 -5.31 -3.57 -2.39
CA GLY A 37 -6.50 -2.96 -2.95
C GLY A 37 -6.65 -3.25 -4.44
N VAL A 38 -5.56 -3.10 -5.20
CA VAL A 38 -5.64 -3.31 -6.64
C VAL A 38 -5.76 -4.79 -6.97
N TYR A 39 -5.26 -5.67 -6.09
CA TYR A 39 -5.47 -7.10 -6.29
C TYR A 39 -6.95 -7.44 -6.22
N ILE A 40 -7.65 -6.92 -5.20
CA ILE A 40 -9.09 -7.13 -5.11
C ILE A 40 -9.78 -6.51 -6.31
N SER A 41 -9.32 -5.34 -6.75
CA SER A 41 -9.94 -4.67 -7.89
C SER A 41 -9.88 -5.54 -9.13
N ALA A 42 -8.77 -6.22 -9.36
CA ALA A 42 -8.68 -7.15 -10.49
C ALA A 42 -9.52 -8.39 -10.24
N LEU A 43 -9.70 -8.78 -8.98
CA LEU A 43 -10.53 -9.93 -8.67
C LEU A 43 -12.00 -9.65 -8.90
N VAL A 44 -12.43 -8.41 -8.70
CA VAL A 44 -13.83 -8.04 -8.94
C VAL A 44 -14.16 -8.17 -10.43
N CYS A 45 -13.27 -7.65 -11.28
CA CYS A 45 -13.51 -7.73 -12.72
C CYS A 45 -13.45 -9.17 -13.22
N GLY A 46 -12.59 -10.00 -12.60
CA GLY A 46 -12.53 -11.40 -13.00
C GLY A 46 -13.79 -12.16 -12.64
N ILE A 47 -14.35 -11.88 -11.47
CA ILE A 47 -15.61 -12.50 -11.07
C ILE A 47 -16.74 -12.04 -11.98
N ALA A 48 -16.73 -10.76 -12.34
CA ALA A 48 -17.76 -10.23 -13.25
C ALA A 48 -17.60 -10.82 -14.65
N TRP A 49 -16.36 -11.05 -15.09
CA TRP A 49 -16.13 -11.65 -16.40
C TRP A 49 -16.68 -13.07 -16.46
N TYR A 50 -16.49 -13.84 -15.40
CA TYR A 50 -16.93 -15.23 -15.41
C TYR A 50 -18.46 -15.33 -15.37
N HIS A 51 -19.11 -14.43 -14.65
CA HIS A 51 -20.56 -14.49 -14.56
C HIS A 51 -21.23 -13.91 -15.80
N TYR A 52 -20.67 -12.85 -16.37
CA TYR A 52 -21.21 -12.32 -17.62
C TYR A 52 -20.98 -13.26 -18.79
N GLN A 53 -20.05 -14.22 -18.66
CA GLN A 53 -19.91 -15.24 -19.70
C GLN A 53 -21.08 -16.21 -19.70
N LYS A 54 -21.65 -16.49 -18.53
CA LYS A 54 -22.85 -17.33 -18.44
C LYS A 54 -24.10 -16.59 -18.91
N MET A 55 -24.19 -15.30 -18.65
CA MET A 55 -25.35 -14.51 -19.07
C MET A 55 -25.40 -14.38 -20.58
N GLY A 62 -36.14 -21.22 -19.86
CA GLY A 62 -37.37 -20.53 -19.51
C GLY A 62 -37.33 -19.05 -19.83
N SER A 63 -36.41 -18.33 -19.16
CA SER A 63 -36.27 -16.90 -19.38
C SER A 63 -34.88 -16.49 -18.89
N TYR A 64 -34.74 -15.22 -18.47
CA TYR A 64 -33.48 -14.76 -17.93
C TYR A 64 -33.22 -15.37 -16.56
N ASP A 65 -31.98 -15.24 -16.09
CA ASP A 65 -31.56 -15.78 -14.81
C ASP A 65 -31.19 -14.63 -13.90
N THR A 66 -32.12 -14.25 -13.01
CA THR A 66 -31.83 -13.19 -12.04
C THR A 66 -30.77 -13.61 -11.05
N GLY A 67 -30.77 -14.89 -10.64
CA GLY A 67 -29.82 -15.36 -9.66
C GLY A 67 -28.38 -15.27 -10.13
N LEU A 68 -28.15 -15.32 -11.44
CA LEU A 68 -26.80 -15.24 -11.96
C LEU A 68 -26.17 -13.88 -11.65
N ARG A 69 -26.94 -12.80 -11.81
CA ARG A 69 -26.41 -11.47 -11.54
C ARG A 69 -26.29 -11.20 -10.05
N TYR A 70 -27.24 -11.70 -9.25
CA TYR A 70 -27.18 -11.44 -7.81
C TYR A 70 -26.10 -12.26 -7.13
N VAL A 71 -25.73 -13.40 -7.71
CA VAL A 71 -24.54 -14.11 -7.23
C VAL A 71 -23.29 -13.27 -7.48
N ASP A 72 -23.25 -12.57 -8.61
N ASP A 72 -23.23 -12.61 -8.63
CA ASP A 72 -22.12 -11.70 -8.90
CA ASP A 72 -22.14 -11.68 -8.91
C ASP A 72 -22.08 -10.51 -7.94
C ASP A 72 -22.10 -10.56 -7.88
N TRP A 73 -23.25 -9.95 -7.61
CA TRP A 73 -23.28 -8.80 -6.72
C TRP A 73 -22.88 -9.18 -5.30
N VAL A 74 -23.39 -10.31 -4.79
CA VAL A 74 -23.16 -10.67 -3.40
C VAL A 74 -21.69 -10.96 -3.12
N LEU A 75 -20.91 -11.26 -4.14
CA LEU A 75 -19.48 -11.49 -3.99
C LEU A 75 -18.65 -10.25 -4.29
N THR A 76 -19.03 -9.47 -5.30
CA THR A 76 -18.20 -8.35 -5.73
C THR A 76 -18.42 -7.10 -4.89
N VAL A 77 -19.68 -6.79 -4.57
CA VAL A 77 -19.98 -5.58 -3.79
C VAL A 77 -19.24 -5.55 -2.47
N PRO A 78 -19.21 -6.62 -1.66
CA PRO A 78 -18.36 -6.58 -0.46
C PRO A 78 -16.88 -6.45 -0.77
N LEU A 79 -16.42 -7.07 -1.85
CA LEU A 79 -15.01 -6.96 -2.22
C LEU A 79 -14.66 -5.54 -2.68
N MET A 80 -15.60 -4.87 -3.37
CA MET A 80 -15.37 -3.49 -3.76
C MET A 80 -15.29 -2.57 -2.54
N PHE A 81 -16.05 -2.88 -1.49
CA PHE A 81 -15.91 -2.14 -0.24
C PHE A 81 -14.60 -2.47 0.45
N VAL A 82 -14.09 -3.69 0.28
CA VAL A 82 -12.82 -4.07 0.90
C VAL A 82 -11.67 -3.26 0.29
N GLU A 83 -11.63 -3.15 -1.03
CA GLU A 83 -10.56 -2.40 -1.68
C GLU A 83 -10.68 -0.90 -1.42
N VAL A 84 -11.85 -0.42 -0.99
CA VAL A 84 -11.98 0.97 -0.58
C VAL A 84 -11.54 1.16 0.86
N LEU A 85 -11.95 0.25 1.75
CA LEU A 85 -11.55 0.35 3.15
C LEU A 85 -10.07 0.06 3.34
N ALA A 86 -9.47 -0.75 2.46
CA ALA A 86 -8.04 -1.00 2.52
C ALA A 86 -7.21 0.24 2.20
N VAL A 87 -7.86 1.32 1.78
CA VAL A 87 -7.16 2.56 1.43
C VAL A 87 -7.13 3.52 2.62
N THR A 88 -8.22 3.61 3.36
CA THR A 88 -8.37 4.61 4.42
C THR A 88 -8.19 4.04 5.82
N ARG A 89 -8.11 2.72 5.98
CA ARG A 89 -7.98 2.11 7.29
C ARG A 89 -6.95 1.00 7.25
N LYS A 90 -6.56 0.54 8.45
CA LYS A 90 -5.60 -0.54 8.60
C LYS A 90 -5.66 -1.06 10.03
N GLY A 91 -5.44 -2.35 10.18
CA GLY A 91 -5.39 -2.97 11.50
C GLY A 91 -6.78 -3.34 11.99
N ALA A 92 -7.09 -2.91 13.22
CA ALA A 92 -8.37 -3.28 13.83
C ALA A 92 -9.53 -2.52 13.21
N ALA A 93 -9.31 -1.24 12.89
CA ALA A 93 -10.37 -0.44 12.28
C ALA A 93 -10.74 -0.97 10.90
N TYR A 94 -9.76 -1.51 10.16
CA TYR A 94 -10.05 -2.07 8.85
C TYR A 94 -10.90 -3.33 8.96
N ASN A 95 -10.57 -4.22 9.92
CA ASN A 95 -11.32 -5.46 10.07
C ASN A 95 -12.73 -5.21 10.58
N GLU A 96 -12.92 -4.19 11.43
CA GLU A 96 -14.26 -3.87 11.91
C GLU A 96 -15.14 -3.33 10.79
N ALA A 97 -14.59 -2.47 9.94
CA ALA A 97 -15.38 -1.87 8.88
C ALA A 97 -15.69 -2.88 7.77
N VAL A 98 -14.73 -3.74 7.44
CA VAL A 98 -14.96 -4.74 6.40
C VAL A 98 -16.09 -5.67 6.81
N ARG A 99 -16.10 -6.10 8.07
CA ARG A 99 -17.18 -6.97 8.56
C ARG A 99 -18.52 -6.26 8.51
N ASN A 100 -18.57 -5.00 8.98
CA ASN A 100 -19.83 -4.28 9.04
C ASN A 100 -20.35 -3.93 7.65
N TRP A 101 -19.47 -3.41 6.79
CA TRP A 101 -19.90 -3.05 5.44
C TRP A 101 -20.23 -4.29 4.62
N GLY A 102 -19.43 -5.36 4.78
CA GLY A 102 -19.73 -6.59 4.06
C GLY A 102 -21.06 -7.20 4.48
N ILE A 103 -21.38 -7.10 5.77
CA ILE A 103 -22.70 -7.55 6.23
C ILE A 103 -23.80 -6.68 5.66
N ALA A 104 -23.60 -5.36 5.68
CA ALA A 104 -24.60 -4.45 5.14
C ALA A 104 -24.84 -4.69 3.66
N ALA A 105 -23.76 -4.90 2.90
CA ALA A 105 -23.91 -5.17 1.47
C ALA A 105 -24.59 -6.51 1.24
N THR A 106 -24.31 -7.51 2.09
CA THR A 106 -24.95 -8.80 1.96
C THR A 106 -26.46 -8.70 2.17
N VAL A 107 -26.88 -7.94 3.17
CA VAL A 107 -28.31 -7.74 3.40
C VAL A 107 -28.92 -6.94 2.26
N MET A 108 -28.18 -5.96 1.73
CA MET A 108 -28.69 -5.17 0.61
C MET A 108 -28.92 -6.04 -0.62
N ILE A 109 -27.92 -6.83 -1.01
CA ILE A 109 -28.06 -7.68 -2.19
C ILE A 109 -29.07 -8.80 -1.93
N GLY A 110 -29.10 -9.33 -0.71
CA GLY A 110 -30.06 -10.37 -0.39
C GLY A 110 -31.49 -9.87 -0.45
N ALA A 111 -31.75 -8.68 0.09
CA ALA A 111 -33.09 -8.10 0.04
C ALA A 111 -33.50 -7.80 -1.40
N GLY A 112 -32.55 -7.37 -2.23
CA GLY A 112 -32.86 -7.13 -3.63
C GLY A 112 -33.24 -8.39 -4.37
N TYR A 113 -32.58 -9.50 -4.06
CA TYR A 113 -32.93 -10.77 -4.70
C TYR A 113 -34.29 -11.26 -4.23
N TYR A 114 -34.62 -11.03 -2.95
CA TYR A 114 -35.92 -11.44 -2.44
C TYR A 114 -37.05 -10.72 -3.17
N GLY A 115 -36.85 -9.45 -3.50
CA GLY A 115 -37.88 -8.66 -4.16
C GLY A 115 -37.94 -8.85 -5.66
N GLU A 116 -36.78 -9.01 -6.30
CA GLU A 116 -36.74 -9.19 -7.75
C GLU A 116 -37.23 -10.56 -8.18
N THR A 117 -37.14 -11.57 -7.32
CA THR A 117 -37.63 -12.90 -7.64
C THR A 117 -39.12 -13.07 -7.34
N SER A 118 -39.80 -12.00 -6.97
CA SER A 118 -41.24 -12.01 -6.72
C SER A 118 -41.95 -11.29 -7.87
N ALA A 119 -43.27 -11.20 -7.77
CA ALA A 119 -44.04 -10.45 -8.74
C ALA A 119 -43.71 -8.97 -8.64
N ALA A 120 -43.49 -8.33 -9.78
CA ALA A 120 -43.19 -6.90 -9.79
C ALA A 120 -44.38 -6.12 -9.25
N GLY A 121 -44.12 -5.22 -8.31
CA GLY A 121 -45.16 -4.46 -7.67
C GLY A 121 -45.84 -5.15 -6.50
N SER A 122 -45.49 -6.40 -6.22
CA SER A 122 -46.06 -7.09 -5.08
C SER A 122 -45.45 -6.56 -3.78
N ASN A 123 -46.03 -6.97 -2.66
CA ASN A 123 -45.53 -6.53 -1.36
C ASN A 123 -44.12 -7.06 -1.11
N GLU A 124 -43.83 -8.28 -1.55
CA GLU A 124 -42.47 -8.81 -1.44
C GLU A 124 -41.51 -8.02 -2.31
N TYR A 125 -41.98 -7.49 -3.44
CA TYR A 125 -41.15 -6.65 -4.28
C TYR A 125 -40.75 -5.37 -3.56
N TRP A 126 -41.72 -4.71 -2.93
CA TRP A 126 -41.45 -3.46 -2.23
C TRP A 126 -40.73 -3.69 -0.91
N THR A 127 -41.03 -4.79 -0.21
CA THR A 127 -40.34 -5.09 1.04
C THR A 127 -38.84 -5.19 0.82
N GLY A 128 -38.43 -6.00 -0.17
CA GLY A 128 -37.02 -6.09 -0.51
C GLY A 128 -36.44 -4.75 -0.93
N PHE A 129 -37.26 -3.90 -1.55
CA PHE A 129 -36.81 -2.57 -1.94
C PHE A 129 -36.60 -1.68 -0.71
N VAL A 130 -37.49 -1.79 0.27
CA VAL A 130 -37.37 -0.97 1.47
C VAL A 130 -36.14 -1.37 2.27
N ILE A 131 -35.93 -2.67 2.45
CA ILE A 131 -34.78 -3.15 3.22
CA ILE A 131 -34.78 -3.15 3.22
C ILE A 131 -33.48 -2.84 2.48
N ALA A 132 -33.45 -3.04 1.16
CA ALA A 132 -32.24 -2.78 0.40
C ALA A 132 -31.89 -1.30 0.39
N MET A 133 -32.91 -0.43 0.29
CA MET A 133 -32.65 1.00 0.27
C MET A 133 -32.15 1.50 1.62
N ALA A 134 -32.68 0.93 2.72
CA ALA A 134 -32.23 1.33 4.05
C ALA A 134 -30.75 1.05 4.24
N THR A 135 -30.32 -0.17 3.91
CA THR A 135 -28.91 -0.52 4.00
C THR A 135 -28.09 0.25 2.97
N TYR A 136 -28.66 0.52 1.80
CA TYR A 136 -27.98 1.31 0.79
C TYR A 136 -27.67 2.71 1.31
N VAL A 137 -28.68 3.38 1.89
CA VAL A 137 -28.47 4.70 2.47
C VAL A 137 -27.45 4.63 3.60
N TRP A 138 -27.49 3.54 4.38
CA TRP A 138 -26.53 3.37 5.47
C TRP A 138 -25.11 3.25 4.93
N LEU A 139 -24.92 2.46 3.86
CA LEU A 139 -23.60 2.31 3.26
C LEU A 139 -23.12 3.62 2.66
N MET A 140 -24.01 4.35 1.98
CA MET A 140 -23.60 5.60 1.34
C MET A 140 -23.33 6.69 2.37
N ARG A 141 -23.98 6.62 3.53
CA ARG A 141 -23.68 7.58 4.59
C ARG A 141 -22.31 7.30 5.21
N ASN A 142 -21.98 6.02 5.42
CA ASN A 142 -20.66 5.68 5.95
C ASN A 142 -19.56 5.97 4.95
N LEU A 143 -19.83 5.81 3.65
CA LEU A 143 -18.83 6.14 2.64
C LEU A 143 -18.56 7.63 2.59
N GLN A 144 -19.62 8.45 2.72
CA GLN A 144 -19.44 9.89 2.75
C GLN A 144 -18.57 10.32 3.92
N ALA A 145 -18.68 9.64 5.06
CA ALA A 145 -17.92 9.98 6.25
C ALA A 145 -16.52 9.36 6.25
N GLU A 146 -16.14 8.63 5.21
CA GLU A 146 -14.84 7.98 5.17
C GLU A 146 -13.80 8.92 4.57
N GLY A 147 -12.56 8.74 4.99
CA GLY A 147 -11.47 9.54 4.47
C GLY A 147 -11.35 10.92 5.08
N GLU A 148 -11.90 11.14 6.27
CA GLU A 148 -11.81 12.45 6.90
C GLU A 148 -10.38 12.78 7.31
N GLY A 149 -9.56 11.76 7.55
CA GLY A 149 -8.18 11.98 7.93
C GLY A 149 -7.20 12.14 6.78
N LEU A 150 -7.63 11.85 5.56
CA LEU A 150 -6.74 11.94 4.41
C LEU A 150 -6.47 13.40 4.05
N LYS A 151 -5.31 13.64 3.45
CA LYS A 151 -4.88 14.98 3.07
C LYS A 151 -4.15 14.93 1.74
N GLY A 152 -4.19 16.04 1.03
CA GLY A 152 -3.40 16.17 -0.18
C GLY A 152 -3.91 15.30 -1.32
N ASP A 153 -2.97 14.69 -2.05
CA ASP A 153 -3.33 13.90 -3.22
C ASP A 153 -4.19 12.69 -2.85
N GLN A 154 -3.98 12.12 -1.66
CA GLN A 154 -4.77 10.96 -1.26
C GLN A 154 -6.22 11.35 -1.00
N ALA A 155 -6.45 12.54 -0.42
CA ALA A 155 -7.81 13.00 -0.21
C ALA A 155 -8.53 13.25 -1.53
N VAL A 156 -7.83 13.86 -2.49
CA VAL A 156 -8.41 14.07 -3.81
C VAL A 156 -8.68 12.73 -4.49
N ALA A 157 -7.72 11.81 -4.40
CA ALA A 157 -7.90 10.50 -5.02
C ALA A 157 -9.06 9.75 -4.38
N PHE A 158 -9.20 9.84 -3.05
CA PHE A 158 -10.29 9.15 -2.39
C PHE A 158 -11.63 9.82 -2.66
N GLU A 159 -11.63 11.15 -2.83
CA GLU A 159 -12.87 11.84 -3.19
C GLU A 159 -13.40 11.34 -4.53
N ASN A 160 -12.51 11.04 -5.47
CA ASN A 160 -12.95 10.48 -6.74
C ASN A 160 -13.50 9.07 -6.58
N ILE A 161 -12.93 8.29 -5.67
CA ILE A 161 -13.46 6.96 -5.38
C ILE A 161 -14.85 7.07 -4.76
N LYS A 162 -15.01 7.97 -3.79
CA LYS A 162 -16.31 8.17 -3.15
C LYS A 162 -17.34 8.62 -4.17
N ASN A 163 -17.00 9.61 -4.99
CA ASN A 163 -17.97 10.18 -5.93
C ASN A 163 -18.44 9.15 -6.95
N LEU A 164 -17.53 8.27 -7.39
CA LEU A 164 -17.92 7.26 -8.36
C LEU A 164 -18.96 6.30 -7.78
N ILE A 165 -18.75 5.86 -6.54
CA ILE A 165 -19.71 4.93 -5.92
C ILE A 165 -20.99 5.66 -5.55
N LEU A 166 -20.88 6.87 -4.99
CA LEU A 166 -22.06 7.62 -4.58
C LEU A 166 -22.97 7.93 -5.75
N VAL A 167 -22.40 8.16 -6.94
CA VAL A 167 -23.18 8.49 -8.12
C VAL A 167 -23.45 7.26 -8.98
N GLY A 168 -22.44 6.42 -9.19
CA GLY A 168 -22.58 5.31 -10.12
C GLY A 168 -23.51 4.21 -9.64
N TRP A 169 -23.67 4.07 -8.33
CA TRP A 169 -24.51 3.00 -7.79
C TRP A 169 -25.98 3.39 -7.72
N ILE A 170 -26.33 4.63 -8.03
CA ILE A 170 -27.73 5.04 -8.05
C ILE A 170 -28.47 4.34 -9.18
N ILE A 171 -27.75 3.92 -10.24
CA ILE A 171 -28.38 3.28 -11.38
C ILE A 171 -29.05 1.98 -10.99
N TYR A 172 -28.56 1.31 -9.95
CA TYR A 172 -29.11 0.01 -9.59
C TYR A 172 -30.51 0.10 -9.01
N PRO A 173 -30.80 0.94 -8.00
CA PRO A 173 -32.20 1.06 -7.56
C PRO A 173 -33.11 1.65 -8.61
N LEU A 174 -32.60 2.53 -9.47
CA LEU A 174 -33.39 3.03 -10.60
C LEU A 174 -33.76 1.89 -11.54
N GLY A 175 -32.78 1.04 -11.86
CA GLY A 175 -33.08 -0.12 -12.69
C GLY A 175 -34.01 -1.11 -12.02
N TYR A 176 -33.98 -1.16 -10.68
CA TYR A 176 -34.86 -2.07 -9.96
C TYR A 176 -36.32 -1.66 -10.09
N ILE A 177 -36.60 -0.35 -10.08
CA ILE A 177 -37.97 0.15 -10.15
C ILE A 177 -38.46 0.34 -11.58
N ALA A 178 -37.61 0.09 -12.58
CA ALA A 178 -38.05 0.22 -13.97
C ALA A 178 -39.18 -0.73 -14.34
N PRO A 179 -39.22 -1.99 -13.90
CA PRO A 179 -40.33 -2.86 -14.30
C PRO A 179 -41.70 -2.40 -13.84
N VAL A 180 -41.79 -1.60 -12.77
CA VAL A 180 -43.09 -1.17 -12.25
C VAL A 180 -43.51 0.20 -12.77
N VAL A 181 -42.63 0.91 -13.48
CA VAL A 181 -42.99 2.20 -14.07
C VAL A 181 -43.24 2.10 -15.57
N GLY A 182 -43.18 0.90 -16.13
CA GLY A 182 -43.43 0.72 -17.55
C GLY A 182 -42.93 -0.64 -17.99
N ASP A 183 -43.29 -0.99 -19.22
CA ASP A 183 -42.84 -2.24 -19.82
C ASP A 183 -41.33 -2.18 -20.04
N PHE A 184 -40.56 -2.22 -18.94
CA PHE A 184 -39.14 -1.94 -18.97
C PHE A 184 -38.32 -3.10 -18.39
N ASP A 185 -38.78 -4.33 -18.62
CA ASP A 185 -38.02 -5.49 -18.13
C ASP A 185 -36.66 -5.59 -18.80
N ALA A 186 -36.56 -5.18 -20.06
CA ALA A 186 -35.29 -5.25 -20.77
C ALA A 186 -34.35 -4.12 -20.38
N ILE A 187 -34.88 -2.93 -20.09
CA ILE A 187 -34.02 -1.82 -19.72
C ILE A 187 -33.40 -2.01 -18.34
N ARG A 188 -33.99 -2.86 -17.50
CA ARG A 188 -33.40 -3.14 -16.20
C ARG A 188 -32.05 -3.83 -16.35
N GLU A 189 -32.00 -4.88 -17.19
CA GLU A 189 -30.73 -5.56 -17.44
C GLU A 189 -29.76 -4.66 -18.18
N VAL A 190 -30.26 -3.75 -19.01
CA VAL A 190 -29.39 -2.79 -19.69
C VAL A 190 -28.76 -1.83 -18.68
N LEU A 191 -29.57 -1.30 -17.77
CA LEU A 191 -29.04 -0.41 -16.74
C LEU A 191 -28.09 -1.16 -15.80
N TYR A 192 -28.42 -2.39 -15.44
CA TYR A 192 -27.55 -3.17 -14.56
C TYR A 192 -26.20 -3.45 -15.23
N THR A 193 -26.22 -3.81 -16.52
CA THR A 193 -24.98 -4.19 -17.20
C THR A 193 -24.07 -2.98 -17.38
N ILE A 194 -24.62 -1.87 -17.88
CA ILE A 194 -23.80 -0.68 -18.10
C ILE A 194 -23.25 -0.16 -16.78
N ALA A 195 -24.07 -0.20 -15.72
CA ALA A 195 -23.60 0.24 -14.41
C ALA A 195 -22.46 -0.65 -13.90
N ASP A 196 -22.56 -1.95 -14.17
CA ASP A 196 -21.51 -2.87 -13.73
C ASP A 196 -20.18 -2.56 -14.43
N ILE A 197 -20.23 -2.29 -15.73
CA ILE A 197 -19.01 -1.96 -16.47
C ILE A 197 -18.42 -0.65 -15.97
N ILE A 198 -19.27 0.36 -15.78
CA ILE A 198 -18.78 1.67 -15.36
C ILE A 198 -18.22 1.60 -13.94
N ASN A 199 -18.93 0.95 -13.03
CA ASN A 199 -18.55 0.94 -11.63
C ASN A 199 -17.35 0.02 -11.34
N LYS A 200 -17.37 -1.19 -11.90
CA LYS A 200 -16.33 -2.14 -11.60
C LYS A 200 -14.98 -1.82 -12.22
N VAL A 201 -15.01 -1.50 -13.51
CA VAL A 201 -13.80 -1.10 -14.22
C VAL A 201 -13.37 0.27 -13.72
N GLY A 202 -14.35 1.14 -13.46
CA GLY A 202 -14.05 2.47 -12.99
C GLY A 202 -13.42 2.49 -11.62
N LEU A 203 -13.99 1.75 -10.67
CA LEU A 203 -13.44 1.73 -9.32
C LEU A 203 -12.04 1.15 -9.31
N GLY A 204 -11.80 0.06 -10.04
CA GLY A 204 -10.48 -0.53 -10.08
C GLY A 204 -9.43 0.44 -10.59
N VAL A 205 -9.77 1.19 -11.64
CA VAL A 205 -8.85 2.22 -12.13
C VAL A 205 -8.62 3.28 -11.05
N LEU A 206 -9.69 3.69 -10.36
CA LEU A 206 -9.55 4.68 -9.31
C LEU A 206 -8.81 4.12 -8.10
N VAL A 207 -9.01 2.84 -7.79
CA VAL A 207 -8.25 2.22 -6.71
C VAL A 207 -6.78 2.11 -7.08
N LEU A 208 -6.50 1.84 -8.36
CA LEU A 208 -5.11 1.79 -8.82
C LEU A 208 -4.44 3.15 -8.68
N GLN A 209 -5.10 4.21 -9.15
CA GLN A 209 -4.52 5.54 -9.06
C GLN A 209 -4.34 5.98 -7.61
N MET A 210 -5.21 5.53 -6.72
CA MET A 210 -5.04 5.82 -5.30
C MET A 210 -3.76 5.17 -4.77
N ALA A 211 -3.62 3.86 -4.97
CA ALA A 211 -2.42 3.16 -4.52
C ALA A 211 -1.17 3.69 -5.22
N ARG A 212 -1.33 4.19 -6.45
CA ARG A 212 -0.21 4.85 -7.13
C ARG A 212 0.22 6.10 -6.39
N VAL A 213 -0.74 6.85 -5.85
CA VAL A 213 -0.41 8.05 -5.07
C VAL A 213 0.31 7.67 -3.78
N GLN A 214 -0.18 6.65 -3.08
CA GLN A 214 0.41 6.23 -1.82
C GLN A 214 1.82 5.69 -2.01
N SER A 215 2.21 5.34 -3.23
CA SER A 215 3.54 4.83 -3.52
C SER A 215 4.46 5.89 -4.11
N GLY A 216 3.96 7.09 -4.38
CA GLY A 216 4.76 8.13 -4.97
C GLY A 216 5.85 8.64 -4.03
N GLU A 217 6.70 9.50 -4.57
CA GLU A 217 7.83 10.02 -3.81
C GLU A 217 7.47 11.24 -2.96
N GLY A 218 6.35 11.90 -3.26
CA GLY A 218 5.93 13.02 -2.45
C GLY A 218 5.50 12.56 -1.06
N ASN A 219 6.05 13.21 -0.03
CA ASN A 219 5.80 12.81 1.35
C ASN A 219 5.67 14.04 2.24
N ILE A 220 4.95 15.04 1.77
CA ILE A 220 4.76 16.26 2.57
C ILE A 220 4.00 15.95 3.86
N PHE A 221 3.04 15.04 3.79
CA PHE A 221 2.25 14.67 4.95
C PHE A 221 2.82 13.51 5.74
N ALA A 222 4.00 13.02 5.34
CA ALA A 222 4.83 12.14 6.17
C ALA A 222 4.13 10.82 6.50
N ASN A 223 3.61 10.16 5.48
N ASN A 223 3.61 10.16 5.48
CA ASN A 223 2.93 8.88 5.65
CA ASN A 223 2.93 8.88 5.64
C ASN A 223 3.61 7.74 4.91
C ASN A 223 3.61 7.74 4.91
N LYS A 224 4.69 8.01 4.16
CA LYS A 224 5.24 7.00 3.27
C LYS A 224 5.97 5.88 4.02
N PHE A 225 6.69 6.23 5.09
N PHE A 225 6.65 6.22 5.12
CA PHE A 225 7.56 5.27 5.77
CA PHE A 225 7.47 5.26 5.85
C PHE A 225 7.04 4.84 7.12
C PHE A 225 6.88 4.86 7.20
N LYS A 226 5.82 5.23 7.50
N LYS A 226 5.59 5.12 7.42
CA LYS A 226 5.32 4.91 8.83
CA LYS A 226 4.98 4.88 8.72
C LYS A 226 4.70 3.52 8.91
C LYS A 226 4.19 3.59 8.80
N GLY A 227 4.10 3.04 7.82
N GLY A 227 4.27 2.73 7.79
CA GLY A 227 3.45 1.75 7.83
CA GLY A 227 3.55 1.48 7.82
C GLY A 227 4.37 0.60 7.53
C GLY A 227 4.44 0.27 7.61
N LEU A 228 5.63 0.70 7.95
N LEU A 228 5.70 0.37 7.99
CA LEU A 228 6.64 -0.31 7.66
CA LEU A 228 6.69 -0.67 7.73
C LEU A 228 7.10 -1.09 8.89
C LEU A 228 7.03 -1.49 8.96
N PHE A 229 7.37 -0.40 10.00
N PHE A 229 7.20 -0.86 10.12
CA PHE A 229 8.12 -1.01 11.09
CA PHE A 229 7.75 -1.54 11.30
C PHE A 229 7.23 -1.67 12.15
C PHE A 229 6.69 -2.01 12.29
N GLY A 230 5.95 -1.35 12.20
N GLY A 230 5.49 -1.46 12.25
CA GLY A 230 5.07 -1.97 13.18
CA GLY A 230 4.45 -1.90 13.16
C GLY A 230 5.24 -1.38 14.57
C GLY A 230 4.55 -1.30 14.55
N LYS A 231 4.77 -2.15 15.56
CA LYS A 231 4.74 -1.68 16.94
C LYS A 231 5.84 -2.25 17.83
N LYS A 232 6.60 -3.25 17.39
CA LYS A 232 7.60 -3.83 18.27
C LYS A 232 8.85 -2.95 18.33
N GLU A 233 9.66 -3.20 19.36
CA GLU A 233 10.92 -2.47 19.52
C GLU A 233 11.88 -2.80 18.39
N MET A 234 12.54 -1.78 17.85
CA MET A 234 13.44 -1.96 16.72
C MET A 234 14.51 -0.88 16.77
N ARG A 235 15.67 -1.22 17.32
CA ARG A 235 16.80 -0.30 17.41
C ARG A 235 17.66 -0.44 16.16
N ILE A 236 17.80 0.65 15.42
CA ILE A 236 18.52 0.66 14.15
C ILE A 236 19.69 1.62 14.25
N LEU A 237 20.89 1.12 13.91
N LEU A 237 20.88 1.14 13.88
CA LEU A 237 22.09 1.94 13.82
CA LEU A 237 22.09 1.95 13.82
C LEU A 237 22.38 2.21 12.35
C LEU A 237 22.43 2.20 12.36
N MET A 238 22.48 3.48 11.98
CA MET A 238 22.79 3.89 10.62
C MET A 238 24.10 4.68 10.63
N VAL A 239 25.14 4.10 10.06
CA VAL A 239 26.47 4.70 10.08
C VAL A 239 27.02 4.75 8.66
N GLY A 240 28.16 5.42 8.53
CA GLY A 240 28.80 5.61 7.25
C GLY A 240 29.77 6.76 7.30
N LEU A 241 30.57 6.88 6.25
CA LEU A 241 31.51 7.97 6.16
C LEU A 241 30.77 9.31 6.11
N ASP A 242 31.49 10.38 6.45
CA ASP A 242 30.91 11.71 6.36
C ASP A 242 30.52 12.00 4.92
N ALA A 243 29.42 12.73 4.76
CA ALA A 243 28.85 13.11 3.47
C ALA A 243 28.35 11.91 2.68
N ALA A 244 28.08 10.78 3.35
CA ALA A 244 27.51 9.64 2.65
C ALA A 244 26.03 9.85 2.35
N GLY A 245 25.34 10.66 3.15
CA GLY A 245 23.94 10.97 2.92
C GLY A 245 23.05 10.59 4.08
N LYS A 246 23.65 10.36 5.25
CA LYS A 246 22.91 9.80 6.38
C LYS A 246 21.89 10.80 6.92
N THR A 247 22.27 12.06 7.08
CA THR A 247 21.32 13.06 7.57
C THR A 247 20.19 13.27 6.58
N THR A 248 20.50 13.27 5.28
CA THR A 248 19.47 13.43 4.26
C THR A 248 18.43 12.31 4.34
N ILE A 249 18.89 11.09 4.63
CA ILE A 249 17.95 9.97 4.76
C ILE A 249 17.07 10.17 5.99
N LEU A 250 17.65 10.63 7.10
CA LEU A 250 16.86 10.87 8.31
C LEU A 250 15.72 11.85 8.04
N TYR A 251 16.00 12.93 7.32
CA TYR A 251 14.95 13.88 6.97
C TYR A 251 13.92 13.23 6.04
N LYS A 252 14.39 12.45 5.06
CA LYS A 252 13.48 11.87 4.07
C LYS A 252 12.52 10.87 4.69
N LEU A 253 12.94 10.19 5.78
CA LEU A 253 12.06 9.23 6.42
C LEU A 253 10.80 9.87 6.96
N LYS A 254 10.88 11.14 7.36
CA LYS A 254 9.73 11.88 7.88
C LYS A 254 9.10 11.16 9.06
N LEU A 255 9.93 10.53 9.89
CA LEU A 255 9.47 9.78 11.05
C LEU A 255 9.56 10.58 12.34
N GLY A 256 9.99 11.83 12.28
CA GLY A 256 10.08 12.66 13.46
C GLY A 256 11.23 13.64 13.34
N GLU A 257 11.26 14.58 14.28
CA GLU A 257 12.32 15.58 14.32
C GLU A 257 13.65 14.93 14.70
N ILE A 258 14.71 15.36 14.02
CA ILE A 258 16.04 14.85 14.31
C ILE A 258 16.54 15.48 15.61
N VAL A 259 17.07 14.64 16.50
CA VAL A 259 17.62 15.09 17.76
C VAL A 259 19.14 14.95 17.67
N THR A 260 19.83 16.10 17.66
CA THR A 260 21.29 16.14 17.55
C THR A 260 21.89 16.41 18.93
N THR A 261 22.80 15.54 19.35
CA THR A 261 23.49 15.70 20.62
C THR A 261 24.99 15.66 20.38
N ILE A 262 25.73 16.27 21.31
CA ILE A 262 27.19 16.22 21.30
C ILE A 262 27.63 15.69 22.66
N PRO A 263 27.66 14.37 22.85
CA PRO A 263 28.03 13.83 24.17
C PRO A 263 29.44 14.20 24.59
N THR A 264 30.37 14.30 23.64
CA THR A 264 31.69 14.84 23.88
C THR A 264 32.12 15.60 22.64
N ILE A 265 33.05 16.54 22.83
CA ILE A 265 33.51 17.37 21.73
C ILE A 265 34.13 16.49 20.65
N GLY A 266 33.65 16.64 19.42
CA GLY A 266 34.12 15.84 18.31
C GLY A 266 33.30 14.60 18.01
N PHE A 267 32.22 14.37 18.75
CA PHE A 267 31.35 13.20 18.55
C PHE A 267 29.92 13.69 18.39
N ASN A 268 29.43 13.68 17.16
CA ASN A 268 28.07 14.12 16.85
CA ASN A 268 28.07 14.12 16.85
C ASN A 268 27.17 12.91 16.66
N VAL A 269 26.01 12.94 17.31
CA VAL A 269 25.04 11.85 17.25
C VAL A 269 23.68 12.41 16.85
N GLU A 270 23.00 11.72 15.94
CA GLU A 270 21.66 12.09 15.49
C GLU A 270 20.71 10.93 15.74
N THR A 271 19.55 11.23 16.33
CA THR A 271 18.55 10.22 16.64
C THR A 271 17.19 10.64 16.12
N VAL A 272 16.42 9.65 15.69
CA VAL A 272 15.03 9.82 15.27
C VAL A 272 14.21 8.71 15.91
N GLU A 273 13.17 9.06 16.64
CA GLU A 273 12.34 8.09 17.34
C GLU A 273 10.90 8.17 16.85
N TYR A 274 10.33 7.01 16.54
CA TYR A 274 8.94 6.90 16.12
C TYR A 274 8.43 5.54 16.55
N LYS A 275 7.24 5.52 17.16
CA LYS A 275 6.69 4.29 17.77
C LYS A 275 7.76 3.76 18.72
N ASN A 276 8.14 2.49 18.64
CA ASN A 276 9.28 1.95 19.37
C ASN A 276 10.52 1.83 18.49
N ILE A 277 10.55 2.55 17.37
CA ILE A 277 11.63 2.45 16.39
C ILE A 277 12.54 3.65 16.54
N SER A 278 13.84 3.42 16.40
CA SER A 278 14.83 4.47 16.58
C SER A 278 15.95 4.29 15.56
N PHE A 279 16.45 5.42 15.04
CA PHE A 279 17.64 5.45 14.21
C PHE A 279 18.70 6.26 14.94
N THR A 280 19.86 5.65 15.17
CA THR A 280 21.02 6.35 15.71
C THR A 280 22.05 6.51 14.59
N VAL A 281 22.58 7.72 14.43
CA VAL A 281 23.41 8.07 13.29
C VAL A 281 24.66 8.79 13.78
N TRP A 282 25.83 8.31 13.32
CA TRP A 282 27.08 9.04 13.48
C TRP A 282 28.00 8.67 12.32
N ASP A 283 29.07 9.45 12.17
CA ASP A 283 30.07 9.19 11.15
C ASP A 283 31.10 8.20 11.66
N VAL A 284 31.39 7.17 10.87
CA VAL A 284 32.47 6.26 11.19
C VAL A 284 33.75 6.82 10.60
N GLY A 285 34.89 6.28 11.03
CA GLY A 285 36.17 6.84 10.66
C GLY A 285 36.57 7.94 11.61
N GLY A 286 37.24 8.97 11.09
CA GLY A 286 37.65 10.07 11.94
C GLY A 286 38.81 9.68 12.86
N LEU A 287 38.83 10.31 14.04
CA LEU A 287 39.91 10.09 14.99
C LEU A 287 39.75 8.76 15.70
N ASP A 288 40.89 8.16 16.06
CA ASP A 288 40.87 6.88 16.76
C ASP A 288 40.39 6.99 18.20
N LYS A 289 40.53 8.17 18.81
CA LYS A 289 40.05 8.38 20.17
C LYS A 289 38.53 8.45 20.26
N ILE A 290 37.84 8.58 19.13
CA ILE A 290 36.37 8.62 19.15
C ILE A 290 35.77 7.22 19.05
N ARG A 291 36.43 6.32 18.33
CA ARG A 291 35.89 4.97 18.12
C ARG A 291 35.48 4.25 19.39
N PRO A 292 36.24 4.29 20.50
CA PRO A 292 35.79 3.57 21.70
C PRO A 292 34.44 4.03 22.23
N LEU A 293 34.02 5.26 21.93
CA LEU A 293 32.74 5.74 22.43
C LEU A 293 31.56 5.12 21.71
N TRP A 294 31.76 4.58 20.51
CA TRP A 294 30.67 3.95 19.77
C TRP A 294 30.11 2.73 20.49
N ARG A 295 30.91 2.10 21.37
CA ARG A 295 30.47 0.87 22.03
C ARG A 295 29.29 1.11 22.97
N HIS A 296 29.10 2.34 23.44
CA HIS A 296 28.00 2.65 24.35
C HIS A 296 26.65 2.63 23.66
N TYR A 297 26.61 2.46 22.34
CA TYR A 297 25.37 2.49 21.57
C TYR A 297 25.06 1.17 20.89
N PHE A 298 25.91 0.14 21.07
CA PHE A 298 25.76 -1.10 20.32
C PHE A 298 24.73 -2.04 20.93
N GLN A 299 24.50 -1.96 22.23
CA GLN A 299 23.73 -2.99 22.91
C GLN A 299 22.31 -3.09 22.38
N ASN A 300 21.88 -4.32 22.07
CA ASN A 300 20.54 -4.64 21.59
C ASN A 300 20.21 -4.00 20.26
N THR A 301 21.23 -3.68 19.46
CA THR A 301 21.01 -3.19 18.11
C THR A 301 20.50 -4.32 17.22
N GLN A 302 19.35 -4.12 16.59
CA GLN A 302 18.74 -5.14 15.75
C GLN A 302 19.06 -4.96 14.27
N GLY A 303 19.13 -3.72 13.79
CA GLY A 303 19.47 -3.49 12.41
C GLY A 303 20.63 -2.54 12.23
N LEU A 304 21.56 -2.90 11.34
CA LEU A 304 22.70 -2.06 11.00
C LEU A 304 22.54 -1.60 9.56
N ILE A 305 22.42 -0.28 9.37
CA ILE A 305 22.35 0.32 8.05
C ILE A 305 23.68 1.01 7.79
N PHE A 306 24.36 0.60 6.73
CA PHE A 306 25.60 1.25 6.31
C PHE A 306 25.36 2.00 5.02
N VAL A 307 25.54 3.32 5.07
CA VAL A 307 25.38 4.19 3.91
C VAL A 307 26.75 4.44 3.30
N VAL A 308 26.82 4.36 1.96
CA VAL A 308 28.06 4.59 1.24
C VAL A 308 27.76 5.50 0.05
N ASP A 309 28.66 6.46 -0.18
CA ASP A 309 28.57 7.33 -1.35
C ASP A 309 29.05 6.53 -2.55
N SER A 310 28.10 6.06 -3.37
CA SER A 310 28.46 5.29 -4.56
C SER A 310 29.23 6.11 -5.58
N ASN A 311 29.13 7.44 -5.51
CA ASN A 311 29.84 8.32 -6.41
C ASN A 311 31.26 8.62 -5.94
N ASP A 312 31.60 8.27 -4.71
CA ASP A 312 32.92 8.54 -4.14
C ASP A 312 33.75 7.27 -4.27
N ARG A 313 34.56 7.19 -5.32
CA ARG A 313 35.39 6.02 -5.57
C ARG A 313 36.76 6.09 -4.89
N GLU A 314 37.17 7.27 -4.42
CA GLU A 314 38.45 7.38 -3.71
C GLU A 314 38.33 6.92 -2.26
N ARG A 315 37.14 7.01 -1.67
CA ARG A 315 36.93 6.66 -0.27
C ARG A 315 36.13 5.36 -0.11
N VAL A 316 35.84 4.67 -1.21
CA VAL A 316 35.02 3.45 -1.11
C VAL A 316 35.78 2.35 -0.38
N ASN A 317 37.11 2.38 -0.40
CA ASN A 317 37.87 1.36 0.32
C ASN A 317 37.92 1.62 1.81
N GLU A 318 37.89 2.89 2.24
CA GLU A 318 37.79 3.18 3.66
C GLU A 318 36.38 2.89 4.17
N ALA A 319 35.36 3.08 3.34
CA ALA A 319 34.01 2.70 3.73
C ALA A 319 33.93 1.20 4.03
N ARG A 320 34.64 0.38 3.27
N ARG A 320 34.64 0.39 3.26
CA ARG A 320 34.65 -1.05 3.54
CA ARG A 320 34.66 -1.05 3.53
C ARG A 320 35.37 -1.35 4.85
C ARG A 320 35.38 -1.35 4.84
N GLU A 321 36.50 -0.67 5.10
CA GLU A 321 37.25 -0.93 6.32
C GLU A 321 36.45 -0.57 7.56
N GLU A 322 35.67 0.51 7.49
CA GLU A 322 34.84 0.88 8.64
C GLU A 322 33.69 -0.10 8.83
N LEU A 323 33.06 -0.55 7.74
CA LEU A 323 32.00 -1.54 7.85
C LEU A 323 32.52 -2.84 8.45
N MET A 324 33.68 -3.30 7.98
CA MET A 324 34.23 -4.57 8.47
C MET A 324 34.64 -4.45 9.94
N ARG A 325 35.19 -3.31 10.34
CA ARG A 325 35.46 -3.09 11.76
C ARG A 325 34.19 -3.15 12.58
N MET A 326 33.10 -2.57 12.06
N MET A 326 33.10 -2.59 12.06
CA MET A 326 31.83 -2.58 12.78
CA MET A 326 31.84 -2.59 12.81
C MET A 326 31.29 -4.00 12.92
C MET A 326 31.26 -4.00 12.92
N LEU A 327 31.36 -4.79 11.84
CA LEU A 327 30.84 -6.15 11.87
C LEU A 327 31.65 -7.09 12.75
N ALA A 328 32.84 -6.68 13.19
CA ALA A 328 33.62 -7.48 14.12
C ALA A 328 33.17 -7.33 15.57
N GLU A 329 32.32 -6.34 15.87
CA GLU A 329 31.89 -6.11 17.24
C GLU A 329 30.93 -7.21 17.69
N ASP A 330 31.21 -7.78 18.87
CA ASP A 330 30.39 -8.89 19.37
C ASP A 330 28.94 -8.48 19.60
N GLU A 331 28.73 -7.24 20.05
CA GLU A 331 27.38 -6.76 20.30
C GLU A 331 26.55 -6.63 19.03
N LEU A 332 27.17 -6.71 17.85
CA LEU A 332 26.46 -6.61 16.58
C LEU A 332 26.53 -7.92 15.78
N ARG A 333 26.77 -9.04 16.45
CA ARG A 333 26.91 -10.31 15.73
C ARG A 333 25.59 -10.77 15.14
N ASP A 334 24.47 -10.39 15.75
CA ASP A 334 23.15 -10.76 15.26
C ASP A 334 22.46 -9.64 14.51
N ALA A 335 23.09 -8.48 14.38
CA ALA A 335 22.48 -7.36 13.69
C ALA A 335 22.35 -7.64 12.20
N VAL A 336 21.18 -7.33 11.65
CA VAL A 336 20.93 -7.50 10.23
C VAL A 336 21.51 -6.30 9.48
N LEU A 337 22.26 -6.58 8.41
CA LEU A 337 22.95 -5.55 7.66
C LEU A 337 22.13 -5.11 6.46
N LEU A 338 21.98 -3.79 6.31
CA LEU A 338 21.37 -3.20 5.12
C LEU A 338 22.33 -2.15 4.58
N VAL A 339 22.76 -2.31 3.33
CA VAL A 339 23.72 -1.41 2.71
C VAL A 339 22.98 -0.50 1.74
N PHE A 340 23.05 0.80 1.98
CA PHE A 340 22.48 1.79 1.07
C PHE A 340 23.57 2.26 0.11
N ALA A 341 23.46 1.84 -1.16
CA ALA A 341 24.33 2.36 -2.22
C ALA A 341 23.76 3.69 -2.67
N ASN A 342 24.09 4.74 -1.91
CA ASN A 342 23.45 6.04 -2.05
C ASN A 342 24.03 6.82 -3.21
N LYS A 343 23.34 7.90 -3.57
CA LYS A 343 23.76 8.84 -4.62
C LYS A 343 23.84 8.16 -5.98
N GLN A 344 22.84 7.33 -6.29
CA GLN A 344 22.78 6.67 -7.59
C GLN A 344 22.50 7.64 -8.72
N ASP A 345 21.94 8.81 -8.42
CA ASP A 345 21.62 9.79 -9.45
C ASP A 345 22.85 10.49 -10.01
N LEU A 346 24.00 10.38 -9.36
CA LEU A 346 25.19 11.06 -9.84
C LEU A 346 25.83 10.28 -10.99
N PRO A 347 26.45 10.98 -11.94
CA PRO A 347 26.89 10.30 -13.17
C PRO A 347 28.01 9.28 -12.95
N ASN A 348 28.92 9.53 -12.02
CA ASN A 348 30.02 8.61 -11.75
C ASN A 348 29.68 7.57 -10.68
N ALA A 349 28.40 7.35 -10.41
CA ALA A 349 28.00 6.47 -9.32
C ALA A 349 28.16 5.01 -9.72
N MET A 350 28.83 4.25 -8.85
CA MET A 350 28.94 2.82 -9.05
C MET A 350 27.60 2.14 -8.78
N ASN A 351 27.28 1.14 -9.60
CA ASN A 351 26.01 0.44 -9.44
C ASN A 351 26.06 -0.47 -8.21
N ALA A 352 24.92 -1.11 -7.92
CA ALA A 352 24.81 -1.91 -6.71
C ALA A 352 25.75 -3.12 -6.76
N ALA A 353 25.88 -3.75 -7.92
CA ALA A 353 26.76 -4.91 -8.03
C ALA A 353 28.22 -4.52 -7.82
N GLU A 354 28.61 -3.34 -8.29
CA GLU A 354 29.99 -2.90 -8.11
C GLU A 354 30.27 -2.54 -6.65
N ILE A 355 29.30 -1.92 -5.98
CA ILE A 355 29.46 -1.63 -4.55
C ILE A 355 29.56 -2.93 -3.77
N THR A 356 28.78 -3.95 -4.17
CA THR A 356 28.87 -5.25 -3.53
C THR A 356 30.26 -5.84 -3.66
N ASP A 357 30.86 -5.72 -4.86
CA ASP A 357 32.19 -6.25 -5.08
C ASP A 357 33.24 -5.44 -4.33
N LYS A 358 33.11 -4.10 -4.36
CA LYS A 358 34.10 -3.27 -3.69
C LYS A 358 34.04 -3.40 -2.18
N LEU A 359 32.85 -3.63 -1.62
CA LEU A 359 32.70 -3.78 -0.18
C LEU A 359 32.90 -5.23 0.28
N GLY A 360 33.01 -6.17 -0.65
CA GLY A 360 33.22 -7.57 -0.29
C GLY A 360 32.08 -8.19 0.50
N LEU A 361 30.83 -7.90 0.12
CA LEU A 361 29.69 -8.41 0.89
C LEU A 361 29.53 -9.91 0.73
N HIS A 362 29.86 -10.46 -0.44
CA HIS A 362 29.75 -11.90 -0.67
C HIS A 362 30.69 -12.72 0.19
N SER A 363 31.71 -12.09 0.80
CA SER A 363 32.60 -12.79 1.71
C SER A 363 32.06 -12.87 3.12
N LEU A 364 31.01 -12.13 3.43
CA LEU A 364 30.47 -12.11 4.79
C LEU A 364 29.72 -13.41 5.08
N ARG A 365 30.14 -14.10 6.13
CA ARG A 365 29.50 -15.34 6.55
C ARG A 365 28.65 -15.12 7.79
N HIS A 366 27.60 -15.93 7.92
CA HIS A 366 26.70 -15.89 9.07
C HIS A 366 26.06 -14.51 9.25
N ARG A 367 25.93 -13.77 8.16
CA ARG A 367 25.40 -12.41 8.20
C ARG A 367 24.24 -12.30 7.21
N ASN A 368 23.06 -11.95 7.72
CA ASN A 368 21.90 -11.68 6.88
C ASN A 368 21.99 -10.24 6.38
N TRP A 369 22.34 -10.06 5.10
CA TRP A 369 22.59 -8.74 4.57
C TRP A 369 21.83 -8.54 3.26
N TYR A 370 21.81 -7.29 2.82
CA TYR A 370 21.07 -6.87 1.62
C TYR A 370 21.58 -5.49 1.23
N ILE A 371 21.68 -5.25 -0.08
CA ILE A 371 22.14 -3.97 -0.61
C ILE A 371 21.05 -3.37 -1.48
N GLN A 372 20.84 -2.06 -1.33
CA GLN A 372 19.81 -1.34 -2.06
C GLN A 372 20.41 -0.09 -2.66
N ALA A 373 20.29 0.06 -3.98
CA ALA A 373 20.63 1.32 -4.63
C ALA A 373 19.61 2.37 -4.24
N THR A 374 20.08 3.56 -3.86
CA THR A 374 19.20 4.58 -3.32
C THR A 374 19.59 5.96 -3.82
N CYS A 375 18.61 6.86 -3.83
CA CYS A 375 18.81 8.29 -4.07
CA CYS A 375 18.80 8.28 -4.08
C CYS A 375 18.14 9.02 -2.92
N ALA A 376 18.94 9.40 -1.92
CA ALA A 376 18.37 10.02 -0.72
C ALA A 376 17.64 11.31 -1.02
N THR A 377 18.04 12.03 -2.07
CA THR A 377 17.38 13.29 -2.39
C THR A 377 15.96 13.06 -2.91
N SER A 378 15.78 12.07 -3.79
CA SER A 378 14.45 11.75 -4.29
C SER A 378 13.75 10.69 -3.46
N GLY A 379 14.50 9.91 -2.67
CA GLY A 379 13.93 8.86 -1.85
C GLY A 379 13.84 7.50 -2.50
N ASP A 380 14.14 7.40 -3.80
CA ASP A 380 14.06 6.13 -4.50
C ASP A 380 14.93 5.09 -3.82
N GLY A 381 14.38 3.89 -3.63
CA GLY A 381 15.09 2.78 -3.03
C GLY A 381 15.03 2.74 -1.51
N LEU A 382 14.72 3.85 -0.86
CA LEU A 382 14.70 3.87 0.60
C LEU A 382 13.59 2.98 1.15
N TYR A 383 12.42 3.01 0.53
CA TYR A 383 11.32 2.16 0.99
C TYR A 383 11.65 0.69 0.78
N GLU A 384 12.25 0.35 -0.36
CA GLU A 384 12.54 -1.06 -0.65
C GLU A 384 13.54 -1.63 0.34
N GLY A 385 14.60 -0.88 0.65
CA GLY A 385 15.59 -1.37 1.60
C GLY A 385 15.03 -1.50 3.01
N LEU A 386 14.23 -0.52 3.44
CA LEU A 386 13.66 -0.57 4.78
C LEU A 386 12.57 -1.63 4.89
N ASP A 387 11.80 -1.84 3.83
CA ASP A 387 10.79 -2.90 3.85
C ASP A 387 11.44 -4.27 4.03
N TRP A 388 12.58 -4.48 3.38
CA TRP A 388 13.32 -5.73 3.59
C TRP A 388 13.84 -5.82 5.03
N LEU A 389 14.44 -4.74 5.52
CA LEU A 389 14.98 -4.74 6.88
C LEU A 389 13.87 -4.92 7.91
N SER A 390 12.74 -4.22 7.73
CA SER A 390 11.61 -4.39 8.64
C SER A 390 11.07 -5.81 8.59
N ASN A 391 11.07 -6.43 7.41
CA ASN A 391 10.59 -7.81 7.29
C ASN A 391 11.52 -8.79 8.00
N GLN A 392 12.83 -8.57 7.90
CA GLN A 392 13.78 -9.46 8.56
C GLN A 392 13.68 -9.34 10.07
N LEU A 393 13.46 -8.12 10.57
CA LEU A 393 13.44 -7.90 12.02
C LEU A 393 12.10 -8.28 12.64
N ARG A 394 11.00 -8.15 11.89
CA ARG A 394 9.69 -8.50 12.44
C ARG A 394 9.44 -10.01 12.35
N ASN A 395 9.76 -10.62 11.21
CA ASN A 395 9.49 -12.03 11.00
C ASN A 395 10.58 -12.93 11.57
N GLN A 396 11.58 -12.38 12.25
CA GLN A 396 12.65 -13.18 12.84
C GLN A 396 13.18 -12.54 14.11
#